data_6N78
#
_entry.id   6N78
#
_cell.length_a   171.910
_cell.length_b   43.150
_cell.length_c   45.450
_cell.angle_alpha   90.00
_cell.angle_beta   90.00
_cell.angle_gamma   90.00
#
_symmetry.space_group_name_H-M   'P 21 21 2'
#
loop_
_entity.id
_entity.type
_entity.pdbx_description
1 polymer 'Tyrosine-protein kinase JAK1'
2 non-polymer N-{3-[5-chloro-2-(difluoromethoxy)phenyl]-1-methyl-1H-pyrazol-4-yl}pyrazolo[1,5-a]pyrimidine-3-carboxamide
3 non-polymer GLYCEROL
4 water water
#
_entity_poly.entity_id   1
_entity_poly.type   'polypeptide(L)'
_entity_poly.pdbx_seq_one_letter_code
;GDIVSEKKPATEVDPTHFEKRFLKRIRDLGEGHFGKVELCRYDPEGDNTGEQVAVKSLKPESGGNHIADLKKEIEILRNL
YHENIVKYKGICTEDGGNGIKLIMEFLPSGSLKEYLPKNKNKINLKQQLKYAVQICKGMDYLGSRQYVHRDLAARNVLVE
SEHQVKIGDFGLTKAIETDKE(PTR)(PTR)TVKDDRDSPVFWYAPECLMQSKFYIASDVWSFGVTLHELLTYCDSDSSP
MALFLKMIGPTHGQMTVTRLVNTLKEGKRLPCPPNCPDEVYQLMRKCWEFQPSNRTSFQNLIEGFEALLK
;
_entity_poly.pdbx_strand_id   A
#
loop_
_chem_comp.id
_chem_comp.type
_chem_comp.name
_chem_comp.formula
GOL non-polymer GLYCEROL 'C3 H8 O3'
KEP non-polymer N-{3-[5-chloro-2-(difluoromethoxy)phenyl]-1-methyl-1H-pyrazol-4-yl}pyrazolo[1,5-a]pyrimidine-3-carboxamide 'C18 H13 Cl F2 N6 O2'
#
# COMPACT_ATOMS: atom_id res chain seq x y z
N ASP A 14 -18.11 19.12 -17.23
CA ASP A 14 -17.39 18.60 -16.07
C ASP A 14 -16.14 17.80 -16.52
N PRO A 15 -14.91 18.30 -16.26
CA PRO A 15 -13.70 17.56 -16.67
C PRO A 15 -13.46 16.24 -15.92
N THR A 16 -14.19 16.01 -14.81
CA THR A 16 -14.06 14.78 -14.01
C THR A 16 -15.07 13.70 -14.43
N HIS A 17 -15.87 13.97 -15.48
CA HIS A 17 -16.86 13.01 -15.97
C HIS A 17 -16.41 12.42 -17.30
N PHE A 18 -16.11 11.11 -17.30
CA PHE A 18 -15.60 10.37 -18.47
C PHE A 18 -16.71 9.53 -19.07
N GLU A 19 -16.98 9.75 -20.38
CA GLU A 19 -18.00 9.04 -21.15
C GLU A 19 -17.52 7.63 -21.51
N LYS A 20 -18.36 6.60 -21.21
CA LYS A 20 -18.10 5.18 -21.49
C LYS A 20 -17.70 4.89 -22.96
N ARG A 21 -18.42 5.50 -23.91
CA ARG A 21 -18.25 5.30 -25.36
C ARG A 21 -16.87 5.77 -25.91
N PHE A 22 -16.15 6.65 -25.16
CA PHE A 22 -14.82 7.15 -25.56
C PHE A 22 -13.64 6.49 -24.79
N LEU A 23 -13.95 5.63 -23.79
CA LEU A 23 -12.95 4.95 -22.97
C LEU A 23 -12.56 3.62 -23.62
N LYS A 24 -11.37 3.59 -24.23
CA LYS A 24 -10.89 2.46 -25.02
C LYS A 24 -9.81 1.66 -24.33
N ARG A 25 -10.11 0.40 -24.01
CA ARG A 25 -9.18 -0.52 -23.35
C ARG A 25 -7.95 -0.84 -24.23
N ILE A 26 -6.74 -0.73 -23.65
CA ILE A 26 -5.48 -1.06 -24.32
C ILE A 26 -4.96 -2.40 -23.79
N ARG A 27 -4.80 -2.53 -22.46
CA ARG A 27 -4.34 -3.78 -21.82
C ARG A 27 -4.62 -3.76 -20.33
N ASP A 28 -4.63 -4.95 -19.71
CA ASP A 28 -4.80 -5.10 -18.27
C ASP A 28 -3.49 -4.66 -17.60
N LEU A 29 -3.54 -4.13 -16.36
CA LEU A 29 -2.34 -3.71 -15.64
C LEU A 29 -2.06 -4.63 -14.45
N GLY A 30 -3.12 -5.03 -13.77
CA GLY A 30 -3.08 -5.94 -12.63
C GLY A 30 -4.46 -6.18 -12.07
N GLU A 31 -4.61 -7.20 -11.21
CA GLU A 31 -5.89 -7.49 -10.58
C GLU A 31 -5.78 -8.09 -9.18
N GLY A 32 -6.82 -7.84 -8.38
CA GLY A 32 -7.01 -8.38 -7.03
C GLY A 32 -8.12 -9.40 -7.07
N HIS A 33 -8.72 -9.75 -5.92
CA HIS A 33 -9.81 -10.73 -5.88
C HIS A 33 -11.11 -10.19 -6.49
N PHE A 34 -11.51 -8.95 -6.13
CA PHE A 34 -12.75 -8.35 -6.64
C PHE A 34 -12.56 -7.18 -7.62
N GLY A 35 -11.39 -6.57 -7.64
CA GLY A 35 -11.11 -5.44 -8.52
C GLY A 35 -9.98 -5.62 -9.50
N LYS A 36 -9.94 -4.78 -10.56
CA LYS A 36 -8.89 -4.77 -11.59
C LYS A 36 -8.59 -3.37 -12.09
N VAL A 37 -7.37 -3.17 -12.61
CA VAL A 37 -6.90 -1.92 -13.16
C VAL A 37 -6.48 -2.16 -14.62
N GLU A 38 -6.99 -1.36 -15.55
CA GLU A 38 -6.62 -1.46 -16.97
C GLU A 38 -6.06 -0.16 -17.51
N LEU A 39 -5.19 -0.27 -18.52
CA LEU A 39 -4.70 0.88 -19.27
C LEU A 39 -5.75 1.15 -20.36
N CYS A 40 -6.30 2.37 -20.37
CA CYS A 40 -7.26 2.83 -21.37
C CYS A 40 -6.77 4.13 -21.97
N ARG A 41 -7.30 4.49 -23.15
CA ARG A 41 -7.09 5.78 -23.77
C ARG A 41 -8.48 6.47 -23.76
N TYR A 42 -8.60 7.71 -23.26
CA TYR A 42 -9.89 8.42 -23.33
C TYR A 42 -9.80 9.22 -24.59
N ASP A 43 -10.47 8.74 -25.65
CA ASP A 43 -10.32 9.25 -27.01
C ASP A 43 -11.62 9.83 -27.65
N PRO A 44 -12.10 11.03 -27.20
CA PRO A 44 -13.32 11.61 -27.81
C PRO A 44 -13.21 11.99 -29.29
N GLU A 45 -12.00 12.19 -29.82
CA GLU A 45 -11.77 12.53 -31.23
C GLU A 45 -11.73 11.27 -32.14
N GLY A 46 -11.63 10.10 -31.52
CA GLY A 46 -11.64 8.80 -32.19
C GLY A 46 -10.49 8.53 -33.14
N ASP A 47 -9.34 9.17 -32.93
CA ASP A 47 -8.16 9.02 -33.79
C ASP A 47 -6.92 8.50 -33.06
N ASN A 48 -7.11 7.93 -31.84
CA ASN A 48 -6.04 7.40 -30.99
C ASN A 48 -5.03 8.47 -30.52
N THR A 49 -5.50 9.75 -30.35
CA THR A 49 -4.64 10.84 -29.82
C THR A 49 -4.95 11.25 -28.36
N GLY A 50 -6.06 10.77 -27.80
CA GLY A 50 -6.47 11.07 -26.43
C GLY A 50 -5.49 10.63 -25.37
N GLU A 51 -5.67 11.08 -24.13
CA GLU A 51 -4.71 10.73 -23.09
C GLU A 51 -4.93 9.33 -22.49
N GLN A 52 -3.80 8.70 -22.10
CA GLN A 52 -3.79 7.39 -21.45
C GLN A 52 -4.12 7.60 -19.97
N VAL A 53 -5.02 6.77 -19.44
CA VAL A 53 -5.51 6.80 -18.05
C VAL A 53 -5.55 5.38 -17.46
N ALA A 54 -5.43 5.24 -16.12
CA ALA A 54 -5.58 3.96 -15.41
C ALA A 54 -7.03 3.90 -14.93
N VAL A 55 -7.75 2.78 -15.18
CA VAL A 55 -9.16 2.64 -14.85
C VAL A 55 -9.35 1.46 -13.87
N LYS A 56 -9.91 1.72 -12.67
CA LYS A 56 -10.20 0.67 -11.71
C LYS A 56 -11.68 0.28 -11.76
N SER A 57 -11.97 -1.01 -11.97
N SER A 57 -11.97 -1.01 -11.99
CA SER A 57 -13.34 -1.52 -12.04
CA SER A 57 -13.33 -1.54 -12.07
C SER A 57 -13.50 -2.81 -11.22
C SER A 57 -13.50 -2.81 -11.23
N LEU A 58 -14.76 -3.17 -10.93
CA LEU A 58 -15.08 -4.39 -10.21
C LEU A 58 -15.28 -5.49 -11.23
N LYS A 59 -14.84 -6.71 -10.90
CA LYS A 59 -15.00 -7.89 -11.76
C LYS A 59 -16.47 -8.33 -11.77
N PRO A 60 -16.98 -8.90 -12.90
CA PRO A 60 -18.39 -9.33 -12.93
C PRO A 60 -18.60 -10.65 -12.19
N HIS A 66 -19.77 -5.16 -3.29
CA HIS A 66 -18.49 -4.42 -3.33
C HIS A 66 -18.60 -3.05 -4.02
N ILE A 67 -19.74 -2.78 -4.70
CA ILE A 67 -20.06 -1.51 -5.39
C ILE A 67 -20.09 -0.37 -4.36
N ALA A 68 -20.70 -0.62 -3.19
CA ALA A 68 -20.79 0.33 -2.09
C ALA A 68 -19.39 0.70 -1.60
N ASP A 69 -18.50 -0.31 -1.47
CA ASP A 69 -17.13 -0.10 -1.04
C ASP A 69 -16.32 0.73 -2.06
N LEU A 70 -16.49 0.47 -3.38
CA LEU A 70 -15.79 1.24 -4.43
C LEU A 70 -16.24 2.72 -4.41
N LYS A 71 -17.55 2.98 -4.19
CA LYS A 71 -18.07 4.36 -4.15
C LYS A 71 -17.43 5.13 -3.00
N LYS A 72 -17.32 4.48 -1.84
CA LYS A 72 -16.66 5.08 -0.66
C LYS A 72 -15.18 5.35 -0.96
N GLU A 73 -14.54 4.40 -1.67
CA GLU A 73 -13.12 4.45 -2.07
C GLU A 73 -12.88 5.63 -2.99
N ILE A 74 -13.80 5.84 -3.98
CA ILE A 74 -13.73 6.94 -4.94
C ILE A 74 -13.77 8.30 -4.23
N GLU A 75 -14.72 8.47 -3.28
CA GLU A 75 -14.91 9.70 -2.51
C GLU A 75 -13.70 10.06 -1.66
N ILE A 76 -13.03 9.04 -1.09
CA ILE A 76 -11.81 9.27 -0.31
C ILE A 76 -10.70 9.82 -1.23
N LEU A 77 -10.44 9.14 -2.38
CA LEU A 77 -9.38 9.54 -3.28
C LEU A 77 -9.64 10.94 -3.94
N ARG A 78 -10.90 11.26 -4.30
CA ARG A 78 -11.31 12.56 -4.89
C ARG A 78 -10.81 13.74 -4.03
N ASN A 79 -10.75 13.56 -2.70
CA ASN A 79 -10.37 14.62 -1.77
C ASN A 79 -8.91 14.55 -1.21
N LEU A 80 -8.06 13.64 -1.74
CA LEU A 80 -6.66 13.54 -1.35
C LEU A 80 -5.77 14.25 -2.41
N TYR A 81 -4.92 15.19 -1.96
CA TYR A 81 -4.03 15.98 -2.82
C TYR A 81 -2.66 16.01 -2.19
N HIS A 82 -1.78 15.13 -2.65
CA HIS A 82 -0.42 15.00 -2.15
C HIS A 82 0.45 14.47 -3.26
N GLU A 83 1.72 14.94 -3.31
CA GLU A 83 2.68 14.53 -4.34
C GLU A 83 3.02 13.05 -4.32
N ASN A 84 2.83 12.38 -3.14
CA ASN A 84 3.08 10.94 -2.99
C ASN A 84 1.80 10.10 -2.88
N ILE A 85 0.69 10.62 -3.46
CA ILE A 85 -0.62 9.94 -3.56
C ILE A 85 -1.04 9.98 -5.03
N VAL A 86 -1.46 8.83 -5.62
CA VAL A 86 -1.86 8.79 -7.05
C VAL A 86 -3.01 9.79 -7.31
N LYS A 87 -2.94 10.54 -8.41
CA LYS A 87 -3.96 11.55 -8.72
C LYS A 87 -5.24 10.99 -9.26
N TYR A 88 -6.33 11.40 -8.63
CA TYR A 88 -7.72 11.14 -9.05
C TYR A 88 -7.97 12.02 -10.30
N LYS A 89 -8.55 11.44 -11.35
CA LYS A 89 -8.90 12.19 -12.57
C LYS A 89 -10.42 12.31 -12.68
N GLY A 90 -11.14 11.25 -12.30
CA GLY A 90 -12.60 11.26 -12.36
C GLY A 90 -13.30 9.92 -12.25
N ILE A 91 -14.51 9.87 -12.80
CA ILE A 91 -15.39 8.69 -12.76
C ILE A 91 -16.08 8.45 -14.09
N CYS A 92 -16.52 7.22 -14.32
CA CYS A 92 -17.32 6.76 -15.45
C CYS A 92 -18.51 6.01 -14.84
N THR A 93 -19.72 6.62 -14.84
CA THR A 93 -20.92 6.02 -14.26
C THR A 93 -21.72 5.22 -15.28
N GLY A 99 -23.42 0.87 -11.09
CA GLY A 99 -22.17 0.70 -11.82
C GLY A 99 -21.31 1.95 -11.90
N ILE A 100 -20.01 1.84 -11.51
CA ILE A 100 -19.05 2.96 -11.52
C ILE A 100 -17.61 2.48 -11.78
N LYS A 101 -16.76 3.36 -12.38
CA LYS A 101 -15.34 3.09 -12.62
C LYS A 101 -14.55 4.29 -12.12
N LEU A 102 -13.38 4.03 -11.53
CA LEU A 102 -12.52 5.09 -11.00
C LEU A 102 -11.43 5.36 -12.02
N ILE A 103 -11.26 6.63 -12.41
CA ILE A 103 -10.28 7.09 -13.40
C ILE A 103 -9.16 7.82 -12.68
N MET A 104 -7.90 7.38 -12.93
CA MET A 104 -6.69 7.95 -12.29
C MET A 104 -5.60 8.22 -13.33
N GLU A 105 -4.56 9.00 -12.94
CA GLU A 105 -3.41 9.22 -13.83
C GLU A 105 -2.68 7.88 -14.09
N PHE A 106 -2.07 7.69 -15.27
CA PHE A 106 -1.35 6.44 -15.59
C PHE A 106 0.14 6.58 -15.33
N LEU A 107 0.71 5.67 -14.51
CA LEU A 107 2.15 5.60 -14.18
C LEU A 107 2.73 4.36 -14.88
N PRO A 108 3.41 4.53 -16.06
CA PRO A 108 3.86 3.35 -16.83
C PRO A 108 4.87 2.42 -16.16
N SER A 109 5.65 2.92 -15.17
CA SER A 109 6.64 2.07 -14.48
C SER A 109 6.01 1.03 -13.53
N GLY A 110 4.71 1.17 -13.26
CA GLY A 110 3.93 0.22 -12.47
C GLY A 110 4.23 0.15 -10.99
N SER A 111 3.89 -0.99 -10.36
CA SER A 111 4.11 -1.13 -8.92
C SER A 111 5.59 -1.37 -8.54
N LEU A 112 5.99 -1.02 -7.29
CA LEU A 112 7.35 -1.25 -6.76
C LEU A 112 7.65 -2.77 -6.81
N LYS A 113 6.62 -3.60 -6.57
CA LYS A 113 6.73 -5.06 -6.55
C LYS A 113 7.26 -5.65 -7.88
N GLU A 114 6.88 -5.07 -9.01
CA GLU A 114 7.34 -5.50 -10.33
C GLU A 114 8.55 -4.69 -10.83
N TYR A 115 8.63 -3.41 -10.44
CA TYR A 115 9.72 -2.52 -10.84
C TYR A 115 11.08 -2.84 -10.17
N LEU A 116 11.11 -3.06 -8.83
CA LEU A 116 12.39 -3.28 -8.13
C LEU A 116 13.20 -4.49 -8.65
N PRO A 117 12.61 -5.70 -8.95
CA PRO A 117 13.44 -6.81 -9.46
C PRO A 117 14.12 -6.57 -10.80
N LYS A 118 13.51 -5.72 -11.63
CA LYS A 118 13.98 -5.38 -12.98
C LYS A 118 14.93 -4.17 -12.99
N ASN A 119 15.12 -3.49 -11.85
CA ASN A 119 15.91 -2.25 -11.83
C ASN A 119 16.92 -2.14 -10.68
N LYS A 120 17.44 -3.28 -10.19
CA LYS A 120 18.46 -3.33 -9.14
C LYS A 120 19.69 -2.46 -9.48
N ASN A 121 20.11 -2.47 -10.75
CA ASN A 121 21.28 -1.73 -11.22
C ASN A 121 21.09 -0.18 -11.14
N LYS A 122 19.84 0.31 -11.17
CA LYS A 122 19.47 1.74 -11.12
C LYS A 122 19.24 2.29 -9.72
N ILE A 123 18.73 1.44 -8.81
CA ILE A 123 18.28 1.80 -7.46
C ILE A 123 19.24 1.36 -6.38
N ASN A 124 19.91 2.33 -5.73
CA ASN A 124 20.83 2.04 -4.62
C ASN A 124 20.14 2.27 -3.27
N LEU A 125 20.86 2.05 -2.16
CA LEU A 125 20.30 2.22 -0.82
C LEU A 125 19.82 3.66 -0.55
N LYS A 126 20.58 4.66 -1.01
CA LYS A 126 20.20 6.06 -0.84
C LYS A 126 18.82 6.34 -1.50
N GLN A 127 18.58 5.82 -2.71
CA GLN A 127 17.30 5.97 -3.40
C GLN A 127 16.17 5.22 -2.66
N GLN A 128 16.49 4.02 -2.10
CA GLN A 128 15.55 3.21 -1.31
C GLN A 128 15.07 4.00 -0.10
N LEU A 129 15.98 4.73 0.58
CA LEU A 129 15.65 5.54 1.75
C LEU A 129 14.83 6.79 1.36
N LYS A 130 15.04 7.31 0.13
CA LYS A 130 14.23 8.44 -0.36
C LYS A 130 12.81 7.95 -0.64
N TYR A 131 12.67 6.73 -1.22
CA TYR A 131 11.37 6.10 -1.45
C TYR A 131 10.63 5.92 -0.10
N ALA A 132 11.39 5.46 0.93
CA ALA A 132 10.91 5.26 2.28
C ALA A 132 10.35 6.55 2.87
N VAL A 133 11.08 7.69 2.73
CA VAL A 133 10.60 9.00 3.21
C VAL A 133 9.26 9.37 2.53
N GLN A 134 9.22 9.19 1.19
CA GLN A 134 8.06 9.50 0.36
C GLN A 134 6.81 8.74 0.76
N ILE A 135 6.94 7.44 1.02
CA ILE A 135 5.81 6.60 1.50
C ILE A 135 5.35 7.13 2.88
N CYS A 136 6.30 7.41 3.81
CA CYS A 136 5.95 7.98 5.12
C CYS A 136 5.17 9.30 4.99
N LYS A 137 5.57 10.21 4.07
CA LYS A 137 4.87 11.49 3.85
C LYS A 137 3.46 11.31 3.34
N GLY A 138 3.27 10.42 2.35
CA GLY A 138 1.95 10.15 1.82
C GLY A 138 1.06 9.53 2.89
N MET A 139 1.63 8.62 3.71
CA MET A 139 0.89 7.95 4.79
C MET A 139 0.53 8.94 5.93
N ASP A 140 1.46 9.84 6.30
CA ASP A 140 1.22 10.87 7.32
C ASP A 140 0.06 11.80 6.92
N TYR A 141 0.00 12.20 5.62
CA TYR A 141 -1.07 13.02 5.06
C TYR A 141 -2.42 12.29 5.19
N LEU A 142 -2.44 10.98 4.86
CA LEU A 142 -3.64 10.16 4.93
C LEU A 142 -4.16 10.12 6.38
N GLY A 143 -3.26 9.85 7.33
CA GLY A 143 -3.56 9.77 8.75
C GLY A 143 -4.02 11.07 9.39
N SER A 144 -3.63 12.23 8.81
CA SER A 144 -4.05 13.55 9.30
C SER A 144 -5.49 13.84 8.88
N ARG A 145 -6.01 13.08 7.90
CA ARG A 145 -7.37 13.17 7.39
C ARG A 145 -8.29 12.13 8.09
N GLN A 146 -7.80 11.50 9.19
CA GLN A 146 -8.51 10.50 10.01
C GLN A 146 -8.84 9.19 9.26
N TYR A 147 -7.91 8.73 8.39
CA TYR A 147 -8.07 7.48 7.64
C TYR A 147 -7.02 6.44 8.00
N VAL A 148 -7.42 5.15 7.93
CA VAL A 148 -6.54 4.00 8.13
CA VAL A 148 -6.55 3.99 8.12
C VAL A 148 -6.52 3.20 6.81
N HIS A 149 -5.32 2.97 6.24
CA HIS A 149 -5.09 2.29 4.96
C HIS A 149 -5.43 0.79 4.96
N ARG A 150 -4.88 0.00 5.92
CA ARG A 150 -5.12 -1.44 6.14
C ARG A 150 -4.53 -2.37 5.07
N ASP A 151 -3.92 -1.83 4.02
CA ASP A 151 -3.36 -2.67 2.94
C ASP A 151 -1.98 -2.14 2.44
N LEU A 152 -1.13 -1.63 3.36
CA LEU A 152 0.18 -1.06 2.94
C LEU A 152 1.24 -2.14 2.71
N ALA A 153 1.63 -2.30 1.43
CA ALA A 153 2.60 -3.28 0.90
C ALA A 153 3.19 -2.74 -0.41
N ALA A 154 4.35 -3.28 -0.85
CA ALA A 154 5.00 -2.82 -2.09
C ALA A 154 4.11 -2.94 -3.34
N ARG A 155 3.19 -3.91 -3.34
CA ARG A 155 2.26 -4.12 -4.46
C ARG A 155 1.27 -2.95 -4.63
N ASN A 156 1.09 -2.10 -3.58
CA ASN A 156 0.21 -0.92 -3.61
C ASN A 156 0.97 0.42 -3.66
N VAL A 157 2.27 0.39 -4.03
CA VAL A 157 3.10 1.59 -4.18
C VAL A 157 3.46 1.66 -5.64
N LEU A 158 3.15 2.76 -6.31
CA LEU A 158 3.46 2.98 -7.73
C LEU A 158 4.75 3.79 -7.93
N VAL A 159 5.45 3.53 -9.03
CA VAL A 159 6.69 4.22 -9.42
C VAL A 159 6.39 5.30 -10.46
N GLU A 160 6.54 6.57 -10.07
CA GLU A 160 6.36 7.75 -10.92
C GLU A 160 7.64 7.89 -11.79
N SER A 161 8.82 7.71 -11.17
CA SER A 161 10.12 7.77 -11.84
C SER A 161 11.13 7.08 -10.93
N GLU A 162 12.43 7.00 -11.35
CA GLU A 162 13.46 6.45 -10.48
C GLU A 162 13.71 7.38 -9.25
N HIS A 163 13.10 8.59 -9.24
CA HIS A 163 13.25 9.54 -8.13
C HIS A 163 11.98 9.68 -7.29
N GLN A 164 10.83 9.11 -7.74
CA GLN A 164 9.56 9.34 -7.02
C GLN A 164 8.57 8.15 -7.03
N VAL A 165 7.93 7.91 -5.87
CA VAL A 165 6.90 6.86 -5.67
C VAL A 165 5.61 7.51 -5.16
N LYS A 166 4.45 6.85 -5.37
CA LYS A 166 3.14 7.32 -4.91
C LYS A 166 2.33 6.13 -4.36
N ILE A 167 1.51 6.33 -3.28
CA ILE A 167 0.63 5.26 -2.80
C ILE A 167 -0.45 5.19 -3.89
N GLY A 168 -0.64 4.01 -4.46
CA GLY A 168 -1.48 3.83 -5.63
C GLY A 168 -2.84 3.19 -5.49
N ASP A 169 -3.21 2.71 -4.29
CA ASP A 169 -4.52 2.03 -4.08
C ASP A 169 -5.09 2.30 -2.71
N PHE A 170 -6.43 2.43 -2.62
CA PHE A 170 -7.14 2.70 -1.36
C PHE A 170 -8.36 1.78 -1.17
N GLY A 171 -8.31 0.58 -1.74
CA GLY A 171 -9.37 -0.43 -1.68
C GLY A 171 -9.88 -0.85 -0.30
N LEU A 172 -9.02 -0.86 0.72
CA LEU A 172 -9.39 -1.25 2.10
C LEU A 172 -9.45 -0.06 3.09
N THR A 173 -9.20 1.18 2.60
CA THR A 173 -9.15 2.39 3.43
C THR A 173 -10.49 2.67 4.14
N LYS A 174 -10.41 2.95 5.46
CA LYS A 174 -11.55 3.22 6.35
C LYS A 174 -11.32 4.49 7.18
N ALA A 175 -12.40 5.25 7.44
CA ALA A 175 -12.31 6.45 8.30
C ALA A 175 -12.42 6.04 9.78
N ILE A 176 -11.56 6.60 10.64
CA ILE A 176 -11.60 6.37 12.09
C ILE A 176 -12.69 7.28 12.67
N GLU A 177 -13.56 6.70 13.52
CA GLU A 177 -14.64 7.41 14.21
C GLU A 177 -14.09 8.58 15.04
N THR A 178 -14.85 9.68 15.12
CA THR A 178 -14.45 10.87 15.89
C THR A 178 -14.46 10.50 17.39
N ASP A 179 -13.45 11.00 18.14
CA ASP A 179 -13.22 10.73 19.57
C ASP A 179 -12.95 9.24 19.84
N LYS A 180 -12.46 8.51 18.81
CA LYS A 180 -12.08 7.09 18.80
C LYS A 180 -10.73 7.01 18.09
N GLU A 181 -9.91 5.98 18.41
CA GLU A 181 -8.57 5.84 17.82
C GLU A 181 -8.41 4.64 16.86
N PTR A 182 -9.50 3.90 16.60
CA PTR A 182 -9.44 2.75 15.71
C PTR A 182 -10.76 2.43 15.00
O PTR A 182 -11.82 2.85 15.47
CB PTR A 182 -8.91 1.51 16.47
CG PTR A 182 -9.83 0.97 17.54
CD1 PTR A 182 -9.74 1.43 18.86
CD2 PTR A 182 -10.76 -0.03 17.26
CE1 PTR A 182 -10.55 0.93 19.85
CE2 PTR A 182 -11.59 -0.53 18.24
CZ PTR A 182 -11.49 -0.05 19.54
OH PTR A 182 -12.34 -0.65 20.50
P PTR A 182 -12.68 -0.18 21.97
O1P PTR A 182 -11.43 0.22 22.77
O2P PTR A 182 -13.70 0.97 21.83
O3P PTR A 182 -13.40 -1.38 22.59
N PTR A 183 -10.69 1.69 13.88
CA PTR A 183 -11.86 1.21 13.15
C PTR A 183 -11.91 -0.31 13.36
O PTR A 183 -10.88 -0.98 13.23
CB PTR A 183 -11.81 1.54 11.62
CG PTR A 183 -12.93 0.94 10.81
CD1 PTR A 183 -12.78 -0.30 10.21
CD2 PTR A 183 -14.15 1.59 10.68
CE1 PTR A 183 -13.81 -0.90 9.51
CE2 PTR A 183 -15.19 1.01 9.96
CZ PTR A 183 -15.02 -0.23 9.36
OH PTR A 183 -16.03 -0.92 8.64
P PTR A 183 -17.36 -0.37 7.96
O1P PTR A 183 -18.19 0.26 9.05
O2P PTR A 183 -18.09 -1.50 7.25
O3P PTR A 183 -16.94 0.74 7.01
N THR A 184 -13.08 -0.86 13.72
CA THR A 184 -13.20 -2.31 13.93
C THR A 184 -13.75 -2.94 12.66
N VAL A 185 -12.96 -3.82 12.06
CA VAL A 185 -13.30 -4.50 10.82
C VAL A 185 -14.23 -5.69 11.10
N LYS A 186 -15.22 -5.89 10.21
CA LYS A 186 -16.21 -6.95 10.28
C LYS A 186 -15.81 -8.09 9.32
N ASP A 187 -15.36 -7.74 8.10
CA ASP A 187 -14.95 -8.69 7.07
C ASP A 187 -13.43 -8.74 6.89
N ASP A 188 -12.80 -9.82 7.38
CA ASP A 188 -11.34 -10.03 7.33
C ASP A 188 -10.90 -11.01 6.22
N ARG A 189 -11.84 -11.43 5.35
CA ARG A 189 -11.63 -12.46 4.32
C ARG A 189 -10.40 -12.25 3.37
N ASP A 190 -10.09 -11.02 2.94
CA ASP A 190 -8.93 -10.82 2.04
C ASP A 190 -7.82 -9.99 2.73
N SER A 191 -7.44 -10.39 3.96
CA SER A 191 -6.44 -9.69 4.76
C SER A 191 -5.00 -10.12 4.47
N PRO A 192 -4.06 -9.17 4.25
CA PRO A 192 -2.64 -9.57 4.04
C PRO A 192 -2.01 -9.80 5.42
N VAL A 193 -2.28 -10.98 6.03
CA VAL A 193 -1.90 -11.35 7.41
C VAL A 193 -0.40 -11.18 7.71
N PHE A 194 0.50 -11.42 6.74
CA PHE A 194 1.96 -11.29 6.96
C PHE A 194 2.43 -9.82 7.00
N TRP A 195 1.52 -8.85 6.77
CA TRP A 195 1.84 -7.42 6.87
C TRP A 195 1.12 -6.79 8.08
N TYR A 196 0.31 -7.60 8.80
CA TYR A 196 -0.55 -7.13 9.90
C TYR A 196 0.05 -7.14 11.29
N ALA A 197 -0.29 -6.09 12.06
CA ALA A 197 0.16 -5.92 13.43
C ALA A 197 -0.56 -6.94 14.35
N PRO A 198 -0.02 -7.29 15.56
CA PRO A 198 -0.71 -8.25 16.43
C PRO A 198 -2.15 -7.90 16.79
N GLU A 199 -2.48 -6.61 17.07
CA GLU A 199 -3.87 -6.19 17.38
C GLU A 199 -4.86 -6.40 16.22
N CYS A 200 -4.37 -6.38 14.96
CA CYS A 200 -5.22 -6.60 13.79
C CYS A 200 -5.51 -8.10 13.68
N LEU A 201 -4.51 -8.93 13.98
CA LEU A 201 -4.70 -10.39 13.96
C LEU A 201 -5.58 -10.91 15.10
N MET A 202 -5.41 -10.36 16.33
CA MET A 202 -6.15 -10.81 17.53
C MET A 202 -7.55 -10.24 17.71
N GLN A 203 -7.82 -9.00 17.25
CA GLN A 203 -9.12 -8.36 17.51
C GLN A 203 -9.75 -7.60 16.33
N SER A 204 -9.10 -7.55 15.15
CA SER A 204 -9.59 -6.81 13.96
C SER A 204 -9.75 -5.29 14.25
N LYS A 205 -8.82 -4.76 15.07
CA LYS A 205 -8.74 -3.35 15.48
C LYS A 205 -7.64 -2.71 14.66
N PHE A 206 -7.99 -1.68 13.88
CA PHE A 206 -7.03 -0.97 13.02
C PHE A 206 -6.84 0.45 13.47
N TYR A 207 -5.64 0.74 13.96
CA TYR A 207 -5.19 2.06 14.41
C TYR A 207 -4.23 2.64 13.36
N ILE A 208 -3.83 3.93 13.50
CA ILE A 208 -2.80 4.53 12.64
C ILE A 208 -1.49 3.78 12.93
N ALA A 209 -1.24 3.42 14.22
CA ALA A 209 -0.06 2.66 14.62
C ALA A 209 0.00 1.28 13.90
N SER A 210 -1.17 0.73 13.50
CA SER A 210 -1.29 -0.52 12.73
C SER A 210 -0.71 -0.30 11.30
N ASP A 211 -0.94 0.90 10.73
CA ASP A 211 -0.41 1.30 9.42
C ASP A 211 1.12 1.43 9.48
N VAL A 212 1.64 1.93 10.63
CA VAL A 212 3.09 2.05 10.91
C VAL A 212 3.77 0.65 10.90
N TRP A 213 3.11 -0.36 11.53
CA TRP A 213 3.62 -1.75 11.52
C TRP A 213 3.74 -2.24 10.05
N SER A 214 2.71 -2.02 9.24
CA SER A 214 2.71 -2.45 7.83
C SER A 214 3.79 -1.72 7.02
N PHE A 215 4.10 -0.45 7.38
CA PHE A 215 5.17 0.27 6.70
C PHE A 215 6.53 -0.43 6.93
N GLY A 216 6.78 -0.87 8.16
CA GLY A 216 8.01 -1.59 8.51
C GLY A 216 8.22 -2.82 7.63
N VAL A 217 7.13 -3.57 7.38
CA VAL A 217 7.15 -4.76 6.51
C VAL A 217 7.41 -4.29 5.04
N THR A 218 6.75 -3.18 4.59
CA THR A 218 6.98 -2.62 3.25
C THR A 218 8.44 -2.19 3.07
N LEU A 219 9.05 -1.60 4.10
CA LEU A 219 10.45 -1.20 4.08
C LEU A 219 11.38 -2.43 3.91
N HIS A 220 11.07 -3.57 4.57
CA HIS A 220 11.82 -4.84 4.40
C HIS A 220 11.73 -5.28 2.93
N GLU A 221 10.54 -5.17 2.30
CA GLU A 221 10.33 -5.54 0.90
C GLU A 221 11.23 -4.68 0.00
N LEU A 222 11.25 -3.36 0.25
CA LEU A 222 12.03 -2.37 -0.48
C LEU A 222 13.55 -2.66 -0.42
N LEU A 223 14.10 -2.96 0.78
CA LEU A 223 15.50 -3.30 1.02
C LEU A 223 15.93 -4.63 0.35
N THR A 224 15.00 -5.59 0.18
CA THR A 224 15.30 -6.87 -0.48
C THR A 224 14.93 -6.84 -1.98
N TYR A 225 14.62 -5.65 -2.54
CA TYR A 225 14.24 -5.46 -3.96
C TYR A 225 13.00 -6.30 -4.36
N CYS A 226 12.07 -6.51 -3.41
CA CYS A 226 10.83 -7.27 -3.60
C CYS A 226 11.09 -8.69 -4.13
N ASP A 227 12.17 -9.34 -3.67
CA ASP A 227 12.53 -10.70 -4.03
C ASP A 227 11.49 -11.69 -3.45
N SER A 228 10.91 -12.53 -4.32
CA SER A 228 9.90 -13.54 -3.99
C SER A 228 10.36 -14.51 -2.91
N ASP A 229 11.61 -15.02 -3.02
CA ASP A 229 12.18 -15.98 -2.06
C ASP A 229 12.40 -15.39 -0.67
N SER A 230 12.54 -14.06 -0.57
CA SER A 230 12.75 -13.33 0.68
C SER A 230 11.50 -12.47 1.07
N SER A 231 10.31 -12.78 0.50
CA SER A 231 9.06 -12.05 0.78
C SER A 231 8.63 -12.23 2.25
N PRO A 232 7.85 -11.30 2.84
CA PRO A 232 7.44 -11.50 4.26
C PRO A 232 6.71 -12.82 4.51
N MET A 233 5.96 -13.31 3.51
CA MET A 233 5.24 -14.58 3.60
C MET A 233 6.24 -15.76 3.59
N ALA A 234 7.21 -15.76 2.66
CA ALA A 234 8.25 -16.80 2.57
C ALA A 234 9.06 -16.91 3.87
N LEU A 235 9.49 -15.75 4.42
CA LEU A 235 10.29 -15.69 5.64
C LEU A 235 9.51 -16.07 6.91
N PHE A 236 8.25 -15.62 7.07
CA PHE A 236 7.49 -15.97 8.28
C PHE A 236 7.13 -17.47 8.30
N LEU A 237 6.85 -18.07 7.13
CA LEU A 237 6.51 -19.50 7.02
C LEU A 237 7.71 -20.40 7.43
N LYS A 238 8.95 -19.94 7.14
CA LYS A 238 10.19 -20.63 7.51
C LYS A 238 10.36 -20.54 9.04
N MET A 239 9.93 -19.40 9.65
CA MET A 239 9.99 -19.16 11.10
C MET A 239 8.97 -19.99 11.90
N ILE A 240 7.73 -20.14 11.39
CA ILE A 240 6.65 -20.81 12.13
C ILE A 240 6.33 -22.24 11.64
N GLY A 241 6.81 -22.59 10.45
CA GLY A 241 6.52 -23.88 9.84
C GLY A 241 5.39 -23.71 8.85
N PRO A 242 5.46 -24.35 7.67
CA PRO A 242 4.41 -24.12 6.67
C PRO A 242 3.26 -25.14 6.66
N THR A 243 3.21 -26.08 7.61
CA THR A 243 2.19 -27.12 7.62
C THR A 243 1.15 -26.96 8.76
N HIS A 244 0.87 -25.72 9.17
CA HIS A 244 -0.10 -25.51 10.24
C HIS A 244 -1.55 -25.27 9.77
N GLY A 245 -1.73 -25.07 8.46
CA GLY A 245 -3.04 -24.86 7.83
C GLY A 245 -3.85 -23.75 8.45
N GLN A 246 -4.98 -24.12 9.08
CA GLN A 246 -5.90 -23.20 9.75
C GLN A 246 -5.30 -22.57 11.02
N MET A 247 -4.21 -23.17 11.55
CA MET A 247 -3.50 -22.71 12.76
C MET A 247 -2.36 -21.72 12.46
N THR A 248 -2.10 -21.41 11.18
CA THR A 248 -1.02 -20.54 10.73
C THR A 248 -1.02 -19.17 11.42
N VAL A 249 -2.15 -18.44 11.37
CA VAL A 249 -2.30 -17.13 12.01
C VAL A 249 -2.08 -17.23 13.53
N THR A 250 -2.57 -18.33 14.17
CA THR A 250 -2.33 -18.55 15.62
C THR A 250 -0.83 -18.68 15.87
N ARG A 251 -0.13 -19.47 15.05
CA ARG A 251 1.33 -19.65 15.18
C ARG A 251 2.05 -18.29 14.95
N LEU A 252 1.56 -17.51 13.97
CA LEU A 252 2.10 -16.17 13.66
C LEU A 252 2.01 -15.30 14.92
N VAL A 253 0.81 -15.23 15.56
CA VAL A 253 0.57 -14.47 16.77
C VAL A 253 1.55 -14.90 17.90
N ASN A 254 1.77 -16.22 18.05
CA ASN A 254 2.68 -16.81 19.04
C ASN A 254 4.14 -16.38 18.88
N THR A 255 4.68 -16.45 17.63
CA THR A 255 6.06 -16.05 17.33
C THR A 255 6.28 -14.55 17.61
N LEU A 256 5.26 -13.71 17.31
CA LEU A 256 5.34 -12.25 17.52
C LEU A 256 5.31 -11.94 19.03
N LYS A 257 4.49 -12.72 19.79
CA LYS A 257 4.34 -12.61 21.24
C LYS A 257 5.67 -12.95 21.93
N GLU A 258 6.46 -13.87 21.34
CA GLU A 258 7.78 -14.29 21.82
C GLU A 258 8.85 -13.19 21.58
N GLY A 259 8.55 -12.22 20.71
CA GLY A 259 9.46 -11.14 20.38
C GLY A 259 10.22 -11.35 19.08
N LYS A 260 9.93 -12.46 18.36
CA LYS A 260 10.57 -12.79 17.08
C LYS A 260 10.06 -11.85 15.97
N ARG A 261 10.97 -11.43 15.08
CA ARG A 261 10.67 -10.48 13.99
C ARG A 261 11.38 -10.90 12.71
N LEU A 262 11.00 -10.32 11.55
CA LEU A 262 11.65 -10.61 10.28
C LEU A 262 13.15 -10.27 10.39
N PRO A 263 14.08 -11.12 9.88
CA PRO A 263 15.52 -10.78 9.99
C PRO A 263 15.93 -9.59 9.13
N CYS A 264 17.10 -8.99 9.45
CA CYS A 264 17.66 -7.88 8.67
C CYS A 264 18.12 -8.41 7.29
N PRO A 265 17.81 -7.73 6.16
CA PRO A 265 18.30 -8.20 4.84
C PRO A 265 19.83 -8.41 4.79
N PRO A 266 20.35 -9.33 3.93
CA PRO A 266 21.80 -9.62 3.89
C PRO A 266 22.75 -8.43 4.03
N PRO A 269 22.25 -2.91 7.07
CA PRO A 269 22.38 -1.48 7.43
C PRO A 269 21.75 -1.18 8.79
N ASP A 270 22.51 -1.51 9.87
CA ASP A 270 22.17 -1.41 11.30
C ASP A 270 21.22 -0.26 11.70
N GLU A 271 21.47 0.97 11.21
CA GLU A 271 20.66 2.16 11.52
C GLU A 271 19.26 2.13 10.89
N VAL A 272 19.15 1.56 9.68
CA VAL A 272 17.87 1.42 8.98
C VAL A 272 17.05 0.33 9.71
N TYR A 273 17.71 -0.78 10.08
CA TYR A 273 17.08 -1.88 10.82
C TYR A 273 16.51 -1.44 12.20
N GLN A 274 17.14 -0.43 12.86
CA GLN A 274 16.64 0.08 14.13
C GLN A 274 15.32 0.86 13.96
N LEU A 275 15.19 1.62 12.86
CA LEU A 275 13.94 2.35 12.57
C LEU A 275 12.86 1.33 12.23
N MET A 276 13.24 0.23 11.53
CA MET A 276 12.34 -0.87 11.16
C MET A 276 11.83 -1.58 12.43
N ARG A 277 12.72 -1.87 13.40
CA ARG A 277 12.34 -2.54 14.65
C ARG A 277 11.39 -1.70 15.50
N LYS A 278 11.50 -0.34 15.42
CA LYS A 278 10.61 0.59 16.11
C LYS A 278 9.20 0.56 15.53
N CYS A 279 9.05 0.16 14.24
CA CYS A 279 7.75 -0.01 13.60
C CYS A 279 7.07 -1.23 14.20
N TRP A 280 7.88 -2.21 14.67
CA TRP A 280 7.42 -3.51 15.14
C TRP A 280 7.34 -3.70 16.68
N GLU A 281 7.08 -2.62 17.42
CA GLU A 281 6.91 -2.69 18.87
C GLU A 281 5.55 -3.35 19.15
N PHE A 282 5.53 -4.40 20.00
CA PHE A 282 4.30 -5.16 20.25
C PHE A 282 3.10 -4.30 20.54
N GLN A 283 3.21 -3.38 21.50
CA GLN A 283 2.10 -2.52 21.86
C GLN A 283 2.03 -1.35 20.86
N PRO A 284 0.84 -1.01 20.29
CA PRO A 284 0.80 0.11 19.33
C PRO A 284 1.38 1.43 19.87
N SER A 285 1.27 1.69 21.20
CA SER A 285 1.79 2.91 21.83
C SER A 285 3.32 3.00 21.83
N ASN A 286 4.01 1.85 21.90
CA ASN A 286 5.48 1.83 21.88
C ASN A 286 6.05 2.09 20.48
N ARG A 287 5.17 2.04 19.45
CA ARG A 287 5.51 2.28 18.05
C ARG A 287 5.63 3.76 17.79
N THR A 288 6.52 4.09 16.89
CA THR A 288 6.77 5.45 16.41
C THR A 288 5.58 5.98 15.55
N SER A 289 5.66 7.27 15.18
CA SER A 289 4.66 7.86 14.28
C SER A 289 5.36 8.04 12.95
N PHE A 290 4.58 8.34 11.88
CA PHE A 290 5.19 8.59 10.57
C PHE A 290 6.11 9.81 10.60
N GLN A 291 5.73 10.87 11.37
CA GLN A 291 6.54 12.09 11.46
C GLN A 291 7.91 11.79 12.10
N ASN A 292 7.93 10.94 13.13
CA ASN A 292 9.13 10.52 13.79
C ASN A 292 10.05 9.73 12.86
N LEU A 293 9.48 8.84 12.02
CA LEU A 293 10.21 8.05 11.03
C LEU A 293 10.86 8.96 9.95
N ILE A 294 10.13 9.99 9.49
CA ILE A 294 10.64 10.99 8.51
C ILE A 294 11.91 11.65 9.05
N GLU A 295 11.85 12.13 10.32
CA GLU A 295 13.00 12.73 11.01
C GLU A 295 14.17 11.75 11.02
N GLY A 296 13.89 10.48 11.34
CA GLY A 296 14.87 9.40 11.37
C GLY A 296 15.57 9.15 10.06
N PHE A 297 14.79 9.04 8.95
CA PHE A 297 15.36 8.80 7.61
C PHE A 297 16.13 10.03 7.08
N GLU A 298 15.62 11.25 7.35
CA GLU A 298 16.26 12.51 6.92
C GLU A 298 17.61 12.70 7.60
N ALA A 299 17.74 12.27 8.89
CA ALA A 299 19.01 12.34 9.63
C ALA A 299 20.07 11.45 8.97
N LEU A 300 19.65 10.32 8.38
CA LEU A 300 20.52 9.34 7.70
C LEU A 300 20.91 9.76 6.28
N LEU A 301 20.13 10.69 5.67
CA LEU A 301 20.37 11.16 4.30
C LEU A 301 21.27 12.38 4.21
N LYS A 302 21.43 13.13 5.31
CA LYS A 302 22.27 14.33 5.39
C LYS A 302 23.75 13.94 5.51
C4 KEP B . -2.77 -2.73 -9.38
C14 KEP B . -1.96 1.95 -11.65
C5 KEP B . -3.92 -3.53 -9.45
C6 KEP B . -5.00 -3.27 -8.62
C11 KEP B . -0.53 -0.11 -12.35
C7 KEP B . -5.00 -2.20 -7.74
C8 KEP B . -3.89 -1.38 -7.68
C9 KEP B . -2.78 -1.64 -8.48
C10 KEP B . -0.97 -0.66 -7.32
C12 KEP B . -0.97 1.31 -12.40
C13 KEP B . -0.40 2.33 -13.18
N1 KEP B . -1.09 -4.31 -10.15
N2 KEP B . -1.18 -0.91 -11.43
C3 KEP B . -1.61 -3.08 -10.22
N3 KEP B . -0.96 3.51 -12.97
O1 KEP B . 0.35 -0.52 -13.10
N5 KEP B . -2.81 1.50 -10.70
C15 KEP B . -3.56 2.41 -10.10
C16 KEP B . -3.52 3.81 -10.41
C17 KEP B . -2.69 4.22 -11.39
N4 KEP B . -1.91 3.28 -12.02
C2 KEP B . -0.86 -2.26 -11.10
C1 KEP B . 0.14 -3.06 -11.58
N KEP B . -0.03 -4.26 -11.01
C KEP B . 0.75 -5.47 -11.25
O KEP B . -1.65 -0.84 -8.48
F1 KEP B . -1.41 0.43 -6.69
F KEP B . 0.34 -0.46 -7.47
CL KEP B . -6.36 -4.35 -8.63
C1 GOL C . -4.26 -4.38 -5.00
O1 GOL C . -5.45 -5.03 -4.57
C2 GOL C . -3.15 -5.35 -5.31
O2 GOL C . -1.96 -4.64 -5.58
C3 GOL C . -3.48 -6.25 -6.49
O3 GOL C . -2.37 -7.11 -6.79
#